data_7SHJ
#
_entry.id   7SHJ
#
_cell.length_a   55.519
_cell.length_b   45.606
_cell.length_c   97.659
_cell.angle_alpha   90.000
_cell.angle_beta   97.070
_cell.angle_gamma   90.000
#
_symmetry.space_group_name_H-M   'P 1 21 1'
#
loop_
_entity.id
_entity.type
_entity.pdbx_description
1 polymer 'Zinc ABC transporter solute-binding protein'
2 non-polymer 'SODIUM ION'
3 water water
#
_entity_poly.entity_id   1
_entity_poly.type   'polypeptide(L)'
_entity_poly.pdbx_seq_one_letter_code
;MQGLVVSTHPIYLIAKEITKGVEEPQLLLQGQSGHDVQLTPAHRKAINDASLVIWLGKAHEAPLNKLLSNNKKAIALLDS
GILSILPQRNTRGAALPNTVDTHVWLEPNNAVRIGFFIAALRSQQHPENKAKYWNNANTFARNMLQAAQAYDSSSNGKPY
WSYHDAYQYLERSLNLKFAGALTDDPHVAPTAAQIKYLNDSRPKAQMCLLAESFTTKGQYQKLGSITFQPVDESMNNEDN
FVTAWKKLAIKTDKCVLNTQKASLEVLFQGPGSAHHHHHHHHHHHH
;
_entity_poly.pdbx_strand_id   A,B
#
loop_
_chem_comp.id
_chem_comp.type
_chem_comp.name
_chem_comp.formula
NA non-polymer 'SODIUM ION' 'Na 1'
#
# COMPACT_ATOMS: atom_id res chain seq x y z
N GLN A 2 27.37 6.29 24.46
CA GLN A 2 27.93 7.63 24.18
C GLN A 2 27.26 8.27 22.97
N GLY A 3 27.52 7.78 21.75
CA GLY A 3 27.05 8.43 20.52
C GLY A 3 25.90 7.74 19.81
N LEU A 4 25.16 8.48 19.00
CA LEU A 4 24.10 7.92 18.16
C LEU A 4 24.80 7.21 17.01
N VAL A 5 24.45 5.96 16.69
CA VAL A 5 24.99 5.18 15.54
C VAL A 5 23.82 4.96 14.61
N VAL A 6 23.98 5.04 13.30
CA VAL A 6 22.86 4.96 12.31
C VAL A 6 23.27 4.03 11.18
N SER A 7 22.53 2.96 10.92
CA SER A 7 22.87 1.92 9.93
C SER A 7 23.10 2.43 8.51
N THR A 8 22.21 3.21 7.94
CA THR A 8 22.20 3.58 6.51
C THR A 8 22.49 5.05 6.28
N HIS A 9 22.93 5.38 5.08
CA HIS A 9 23.32 6.77 4.72
C HIS A 9 22.14 7.72 4.62
N PRO A 10 20.97 7.40 4.02
CA PRO A 10 19.86 8.34 4.02
C PRO A 10 19.39 8.65 5.45
N ILE A 11 19.37 7.66 6.32
CA ILE A 11 18.88 7.84 7.72
C ILE A 11 19.97 8.55 8.49
N TYR A 12 21.24 8.40 8.14
CA TYR A 12 22.37 9.12 8.76
C TYR A 12 22.24 10.60 8.42
N LEU A 13 21.80 10.97 7.21
CA LEU A 13 21.63 12.37 6.79
C LEU A 13 20.48 13.01 7.57
N ILE A 14 19.40 12.27 7.84
CA ILE A 14 18.28 12.81 8.67
C ILE A 14 18.84 12.99 10.08
N ALA A 15 19.50 11.99 10.67
CA ALA A 15 20.05 12.06 12.03
C ALA A 15 20.99 13.27 12.15
N LYS A 16 21.78 13.60 11.14
CA LYS A 16 22.77 14.70 11.12
C LYS A 16 22.06 16.05 11.27
N GLU A 17 20.94 16.26 10.59
CA GLU A 17 20.17 17.50 10.73
C GLU A 17 19.58 17.55 12.13
N ILE A 18 19.05 16.46 12.68
CA ILE A 18 18.41 16.52 13.98
C ILE A 18 19.43 16.87 15.06
N THR A 19 20.65 16.37 14.94
CA THR A 19 21.65 16.51 15.99
C THR A 19 22.61 17.67 15.76
N LYS A 20 22.33 18.50 14.77
CA LYS A 20 23.26 19.55 14.35
C LYS A 20 23.51 20.52 15.50
N GLY A 21 24.79 20.74 15.80
CA GLY A 21 25.20 21.61 16.88
C GLY A 21 25.23 20.97 18.25
N VAL A 22 24.80 19.71 18.39
CA VAL A 22 24.76 18.96 19.68
C VAL A 22 25.81 17.89 19.62
N GLU A 23 25.82 17.08 18.55
CA GLU A 23 26.74 15.93 18.41
C GLU A 23 26.76 15.49 16.97
N GLU A 24 27.67 14.59 16.62
CA GLU A 24 27.77 14.02 15.26
C GLU A 24 27.36 12.56 15.32
N PRO A 25 26.35 12.09 14.55
CA PRO A 25 26.03 10.68 14.54
C PRO A 25 27.15 9.96 13.79
N GLN A 26 27.24 8.64 13.95
CA GLN A 26 28.27 7.81 13.28
C GLN A 26 27.58 6.84 12.34
N LEU A 27 27.91 6.83 11.04
CA LEU A 27 27.35 5.87 10.07
C LEU A 27 27.98 4.51 10.34
N LEU A 28 27.18 3.47 10.43
CA LEU A 28 27.68 2.12 10.70
C LEU A 28 28.20 1.44 9.43
N LEU A 29 27.34 1.33 8.40
CA LEU A 29 27.67 0.66 7.11
C LEU A 29 27.99 1.75 6.10
N GLN A 30 29.24 1.88 5.64
CA GLN A 30 29.68 2.98 4.75
C GLN A 30 29.99 2.48 3.34
N THR A 40 31.88 -6.19 10.44
CA THR A 40 33.22 -6.16 11.00
C THR A 40 33.20 -6.07 12.53
N PRO A 41 34.35 -6.26 13.19
CA PRO A 41 34.44 -5.93 14.62
C PRO A 41 34.47 -4.44 14.92
N ALA A 42 34.83 -3.58 13.97
CA ALA A 42 34.75 -2.13 14.21
C ALA A 42 33.31 -1.67 14.24
N HIS A 43 32.47 -2.28 13.41
CA HIS A 43 31.02 -2.01 13.43
C HIS A 43 30.58 -2.46 14.82
N ARG A 44 31.06 -3.62 15.27
CA ARG A 44 30.66 -4.19 16.57
C ARG A 44 31.03 -3.20 17.65
N LYS A 45 32.24 -2.65 17.64
CA LYS A 45 32.72 -1.71 18.69
C LYS A 45 31.80 -0.48 18.77
N ALA A 46 31.46 0.14 17.65
CA ALA A 46 30.61 1.32 17.60
C ALA A 46 29.25 1.03 18.23
N ILE A 47 28.76 -0.19 18.11
CA ILE A 47 27.44 -0.51 18.66
C ILE A 47 27.51 -0.67 20.17
N ASN A 48 28.55 -1.36 20.67
CA ASN A 48 28.69 -1.50 22.11
C ASN A 48 28.79 -0.14 22.78
N ASP A 49 29.56 0.77 22.17
CA ASP A 49 29.77 2.12 22.71
C ASP A 49 28.60 3.06 22.46
N ALA A 50 27.65 2.69 21.61
CA ALA A 50 26.55 3.61 21.29
C ALA A 50 25.60 3.69 22.47
N SER A 51 24.94 4.86 22.59
CA SER A 51 23.85 5.08 23.55
C SER A 51 22.53 4.85 22.83
N LEU A 52 22.50 5.05 21.50
CA LEU A 52 21.29 4.85 20.67
C LEU A 52 21.73 4.34 19.32
N VAL A 53 21.03 3.42 18.69
CA VAL A 53 21.27 2.89 17.36
C VAL A 53 19.94 2.97 16.63
N ILE A 54 19.97 3.59 15.46
CA ILE A 54 18.82 3.71 14.56
C ILE A 54 19.10 2.88 13.32
N TRP A 55 18.24 1.93 13.01
CA TRP A 55 18.41 1.04 11.85
C TRP A 55 17.03 0.82 11.31
N LEU A 56 16.84 0.40 10.06
CA LEU A 56 15.48 0.27 9.46
C LEU A 56 14.85 -0.97 10.07
N GLY A 57 15.59 -2.06 10.21
CA GLY A 57 15.10 -3.29 10.80
C GLY A 57 15.34 -4.46 9.92
N LYS A 58 15.06 -5.66 10.46
CA LYS A 58 15.47 -6.90 9.86
C LYS A 58 14.99 -7.03 8.43
N ALA A 59 14.00 -6.25 8.01
CA ALA A 59 13.58 -6.27 6.62
C ALA A 59 14.61 -5.66 5.67
N HIS A 60 15.34 -4.62 6.06
CA HIS A 60 16.34 -3.91 5.21
C HIS A 60 17.75 -4.49 5.39
N GLU A 61 18.17 -4.83 6.62
CA GLU A 61 19.54 -5.32 6.93
C GLU A 61 19.42 -6.68 7.63
N ALA A 62 19.29 -7.78 6.87
CA ALA A 62 19.22 -9.14 7.43
C ALA A 62 20.58 -9.53 8.02
N PRO A 63 21.76 -9.11 7.49
CA PRO A 63 22.99 -9.52 8.20
C PRO A 63 23.18 -8.86 9.56
N LEU A 64 22.80 -7.60 9.68
CA LEU A 64 22.88 -6.88 10.95
C LEU A 64 21.83 -7.36 11.92
N ASN A 65 20.87 -8.15 11.45
CA ASN A 65 19.72 -8.45 12.26
C ASN A 65 20.14 -9.02 13.58
N LYS A 66 21.13 -9.91 13.59
CA LYS A 66 21.56 -10.63 14.82
C LYS A 66 21.81 -9.68 15.97
N LEU A 67 22.77 -8.78 15.83
CA LEU A 67 23.22 -7.92 16.95
C LEU A 67 22.14 -6.92 17.32
N LEU A 68 21.49 -6.29 16.36
CA LEU A 68 20.62 -5.15 16.65
C LEU A 68 19.23 -5.57 17.08
N SER A 69 18.77 -6.76 16.65
CA SER A 69 17.40 -7.12 16.98
C SER A 69 17.28 -7.38 18.47
N ASN A 70 18.31 -7.94 19.09
CA ASN A 70 18.30 -8.13 20.52
C ASN A 70 18.97 -6.99 21.30
N ASN A 71 19.26 -5.85 20.69
CA ASN A 71 19.92 -4.78 21.43
C ASN A 71 18.88 -3.74 21.85
N LYS A 72 18.78 -3.51 23.15
CA LYS A 72 17.74 -2.64 23.67
C LYS A 72 17.91 -1.19 23.25
N LYS A 73 19.12 -0.74 22.97
CA LYS A 73 19.33 0.65 22.51
C LYS A 73 19.09 0.77 21.00
N ALA A 74 18.77 -0.29 20.26
CA ALA A 74 18.65 -0.25 18.82
C ALA A 74 17.16 -0.15 18.48
N ILE A 75 16.78 0.90 17.77
CA ILE A 75 15.39 1.13 17.42
C ILE A 75 15.24 0.90 15.93
N ALA A 76 14.40 -0.07 15.55
CA ALA A 76 14.17 -0.40 14.14
C ALA A 76 13.01 0.47 13.63
N LEU A 77 13.26 1.40 12.72
CA LEU A 77 12.23 2.36 12.26
C LEU A 77 11.03 1.62 11.67
N LEU A 78 11.25 0.56 10.89
CA LEU A 78 10.18 -0.20 10.21
C LEU A 78 9.29 -0.89 11.25
N ASP A 79 9.78 -1.25 12.45
CA ASP A 79 8.94 -1.95 13.42
C ASP A 79 8.30 -1.01 14.44
N SER A 80 8.47 0.31 14.35
CA SER A 80 8.03 1.28 15.40
C SER A 80 6.59 1.79 15.31
N GLY A 81 5.92 1.70 14.16
CA GLY A 81 4.58 2.23 13.96
C GLY A 81 4.56 3.73 13.76
N ILE A 82 5.70 4.31 13.43
CA ILE A 82 5.83 5.77 13.20
C ILE A 82 5.71 6.07 11.70
N LEU A 83 5.92 5.11 10.82
CA LEU A 83 6.02 5.37 9.36
C LEU A 83 4.82 4.94 8.55
N SER A 84 4.57 5.60 7.42
CA SER A 84 3.60 5.11 6.42
C SER A 84 4.33 3.96 5.74
N ILE A 85 3.86 2.74 5.91
CA ILE A 85 4.49 1.53 5.34
C ILE A 85 3.66 1.10 4.13
N LEU A 86 4.30 0.82 3.01
CA LEU A 86 3.67 0.32 1.80
C LEU A 86 4.18 -1.11 1.62
N PRO A 87 3.38 -2.06 1.07
CA PRO A 87 3.83 -3.43 0.83
C PRO A 87 4.77 -3.49 -0.36
N GLN A 88 5.56 -4.57 -0.39
CA GLN A 88 6.35 -4.86 -1.57
C GLN A 88 5.42 -5.14 -2.73
N ARG A 89 5.96 -4.98 -3.95
CA ARG A 89 5.21 -5.26 -5.18
C ARG A 89 5.94 -6.27 -6.07
N ASN A 90 5.17 -7.04 -6.83
CA ASN A 90 5.83 -7.82 -7.86
C ASN A 90 6.21 -6.88 -9.02
N THR A 91 6.88 -7.44 -10.04
CA THR A 91 7.40 -6.65 -11.16
C THR A 91 6.29 -6.05 -12.02
N ARG A 92 5.04 -6.40 -11.77
CA ARG A 92 3.89 -5.86 -12.48
C ARG A 92 3.08 -4.91 -11.62
N GLY A 93 3.54 -4.63 -10.42
CA GLY A 93 2.89 -3.67 -9.58
C GLY A 93 1.88 -4.22 -8.61
N ALA A 94 1.62 -5.55 -8.61
CA ALA A 94 0.73 -6.11 -7.58
C ALA A 94 1.43 -6.20 -6.20
N ALA A 95 0.68 -5.93 -5.14
CA ALA A 95 1.23 -6.00 -3.79
C ALA A 95 1.37 -7.43 -3.29
N LEU A 96 2.45 -7.68 -2.57
CA LEU A 96 2.69 -8.97 -1.97
C LEU A 96 2.12 -8.98 -0.55
N PRO A 97 1.23 -9.90 -0.19
CA PRO A 97 0.65 -9.86 1.15
C PRO A 97 1.70 -10.02 2.24
N ASN A 98 1.49 -9.28 3.32
CA ASN A 98 2.35 -9.32 4.50
C ASN A 98 3.77 -8.95 4.16
N THR A 99 4.02 -8.09 3.20
CA THR A 99 5.36 -7.62 3.01
C THR A 99 5.41 -6.12 3.28
N VAL A 100 6.63 -5.58 3.37
CA VAL A 100 6.91 -4.14 3.67
C VAL A 100 7.97 -3.60 2.70
N ASP A 101 7.66 -2.66 1.84
CA ASP A 101 8.69 -1.99 1.02
C ASP A 101 9.59 -1.20 2.00
N THR A 102 10.90 -1.41 2.03
CA THR A 102 11.86 -0.79 2.98
C THR A 102 12.34 0.61 2.54
N HIS A 103 12.03 1.10 1.34
CA HIS A 103 12.55 2.38 0.76
C HIS A 103 11.73 3.56 1.27
N VAL A 104 11.43 3.61 2.56
CA VAL A 104 10.46 4.55 3.21
C VAL A 104 10.89 6.02 3.19
N TRP A 105 12.19 6.32 3.18
CA TRP A 105 12.67 7.70 3.34
C TRP A 105 12.39 8.60 2.11
N LEU A 106 12.14 8.02 0.94
CA LEU A 106 11.82 8.78 -0.30
C LEU A 106 10.44 9.42 -0.19
N GLU A 107 9.62 9.05 0.78
CA GLU A 107 8.32 9.73 1.03
C GLU A 107 8.65 10.94 1.93
N PRO A 108 8.50 12.22 1.53
CA PRO A 108 8.88 13.34 2.39
C PRO A 108 8.21 13.30 3.77
N ASN A 109 6.94 12.93 3.88
CA ASN A 109 6.27 12.83 5.16
C ASN A 109 6.91 11.80 6.08
N ASN A 110 7.50 10.74 5.52
CA ASN A 110 8.20 9.70 6.31
C ASN A 110 9.52 10.27 6.81
N ALA A 111 10.23 11.03 5.98
CA ALA A 111 11.50 11.66 6.40
C ALA A 111 11.23 12.58 7.59
N VAL A 112 10.13 13.34 7.58
CA VAL A 112 9.77 14.25 8.67
C VAL A 112 9.45 13.46 9.93
N ARG A 113 8.65 12.40 9.79
CA ARG A 113 8.31 11.51 10.92
C ARG A 113 9.61 10.94 11.51
N ILE A 114 10.57 10.53 10.70
CA ILE A 114 11.87 10.01 11.17
C ILE A 114 12.55 11.13 11.95
N GLY A 115 12.51 12.37 11.50
CA GLY A 115 13.18 13.45 12.19
C GLY A 115 12.61 13.66 13.59
N PHE A 116 11.31 13.83 13.71
CA PHE A 116 10.65 14.05 15.02
C PHE A 116 10.86 12.84 15.94
N PHE A 117 10.97 11.61 15.41
CA PHE A 117 11.21 10.41 16.22
C PHE A 117 12.62 10.41 16.77
N ILE A 118 13.60 10.78 15.94
CA ILE A 118 14.96 10.87 16.43
C ILE A 118 15.05 11.95 17.50
N ALA A 119 14.33 13.07 17.30
CA ALA A 119 14.40 14.13 18.28
C ALA A 119 13.86 13.63 19.61
N ALA A 120 12.74 12.91 19.58
CA ALA A 120 12.16 12.39 20.79
C ALA A 120 13.07 11.38 21.45
N LEU A 121 13.73 10.50 20.71
CA LEU A 121 14.58 9.45 21.28
C LEU A 121 15.78 10.10 21.99
N ARG A 122 16.53 10.99 21.32
CA ARG A 122 17.75 11.61 21.89
C ARG A 122 17.38 12.55 23.03
N SER A 123 16.24 13.20 22.97
CA SER A 123 15.78 14.13 24.02
C SER A 123 15.60 13.38 25.33
N GLN A 124 15.07 12.17 25.31
CA GLN A 124 14.89 11.32 26.53
C GLN A 124 16.26 10.97 27.12
N GLN A 125 17.27 10.75 26.29
CA GLN A 125 18.61 10.33 26.74
C GLN A 125 19.45 11.52 27.16
N HIS A 126 19.32 12.66 26.50
CA HIS A 126 20.07 13.90 26.78
C HIS A 126 19.02 15.00 26.92
N PRO A 127 18.27 15.10 28.03
CA PRO A 127 17.31 16.18 28.22
C PRO A 127 17.94 17.58 28.18
N GLU A 128 19.24 17.71 28.43
CA GLU A 128 19.94 18.98 28.38
C GLU A 128 20.01 19.57 26.97
N ASN A 129 19.77 18.76 25.94
CA ASN A 129 19.76 19.23 24.55
C ASN A 129 18.37 19.15 23.91
N LYS A 130 17.33 18.92 24.70
CA LYS A 130 15.96 18.71 24.20
C LYS A 130 15.58 19.86 23.27
N ALA A 131 15.69 21.12 23.66
CA ALA A 131 15.24 22.28 22.85
C ALA A 131 15.89 22.30 21.46
N LYS A 132 17.15 21.97 21.35
CA LYS A 132 17.88 22.02 20.06
C LYS A 132 17.54 20.78 19.23
N TYR A 133 17.35 19.61 19.81
CA TYR A 133 16.95 18.41 19.05
C TYR A 133 15.60 18.71 18.41
N TRP A 134 14.63 19.28 19.12
CA TRP A 134 13.27 19.52 18.60
C TRP A 134 13.21 20.68 17.59
N ASN A 135 14.01 21.75 17.78
CA ASN A 135 14.07 22.89 16.83
C ASN A 135 14.65 22.42 15.51
N ASN A 136 15.71 21.61 15.56
CA ASN A 136 16.30 21.00 14.35
C ASN A 136 15.23 20.18 13.63
N ALA A 137 14.42 19.41 14.35
CA ALA A 137 13.38 18.56 13.76
C ALA A 137 12.34 19.47 13.09
N ASN A 138 12.05 20.60 13.70
CA ASN A 138 11.09 21.59 13.13
C ASN A 138 11.69 22.16 11.83
N THR A 139 12.94 22.57 11.84
CA THR A 139 13.62 23.18 10.66
C THR A 139 13.71 22.13 9.55
N PHE A 140 14.14 20.91 9.88
CA PHE A 140 14.22 19.80 8.91
C PHE A 140 12.83 19.58 8.35
N ALA A 141 11.76 19.63 9.14
CA ALA A 141 10.38 19.41 8.68
C ALA A 141 9.99 20.52 7.72
N ARG A 142 10.30 21.77 8.05
CA ARG A 142 9.96 22.94 7.21
C ARG A 142 10.65 22.80 5.84
N ASN A 143 11.91 22.43 5.85
CA ASN A 143 12.71 22.28 4.60
C ASN A 143 12.14 21.14 3.75
N MET A 144 11.83 20.00 4.36
CA MET A 144 11.37 18.81 3.63
C MET A 144 10.01 19.11 3.02
N LEU A 145 9.15 19.80 3.73
CA LEU A 145 7.79 20.08 3.25
C LEU A 145 7.82 21.15 2.15
N GLN A 146 8.69 22.14 2.26
CA GLN A 146 8.83 23.19 1.23
C GLN A 146 9.27 22.49 -0.06
N ALA A 147 10.25 21.60 0.03
CA ALA A 147 10.72 20.84 -1.14
C ALA A 147 9.55 20.08 -1.74
N ALA A 148 8.75 19.42 -0.94
CA ALA A 148 7.64 18.57 -1.43
C ALA A 148 6.50 19.40 -2.01
N GLN A 149 6.26 20.61 -1.55
CA GLN A 149 5.12 21.44 -2.02
C GLN A 149 5.42 21.95 -3.43
N ALA A 150 6.66 21.88 -3.88
CA ALA A 150 7.02 22.23 -5.28
C ALA A 150 6.36 21.25 -6.25
N TYR A 151 5.76 20.13 -5.80
CA TYR A 151 5.05 19.18 -6.64
C TYR A 151 3.57 19.09 -6.22
N ASP A 152 2.64 19.39 -7.11
CA ASP A 152 1.20 19.43 -6.70
C ASP A 152 0.41 18.26 -7.29
N SER A 155 -2.35 17.78 -11.24
CA SER A 155 -1.41 17.18 -12.23
C SER A 155 -1.85 15.75 -12.56
N ASN A 156 -1.58 15.31 -13.78
CA ASN A 156 -1.98 13.96 -14.25
C ASN A 156 -0.89 12.96 -13.87
N GLY A 157 -1.25 11.71 -13.62
CA GLY A 157 -0.27 10.66 -13.33
C GLY A 157 0.80 10.60 -14.40
N LYS A 158 2.05 10.38 -14.01
CA LYS A 158 3.21 10.32 -14.94
C LYS A 158 3.73 8.88 -14.96
N PRO A 159 3.55 8.07 -16.02
CA PRO A 159 4.06 6.71 -15.99
C PRO A 159 5.59 6.59 -15.96
N TYR A 160 6.12 5.54 -15.34
CA TYR A 160 7.57 5.26 -15.28
C TYR A 160 7.88 3.79 -15.00
N TRP A 161 8.98 3.26 -15.48
CA TRP A 161 9.51 1.92 -15.21
C TRP A 161 10.74 2.11 -14.34
N SER A 162 11.10 1.17 -13.51
CA SER A 162 12.33 1.14 -12.76
C SER A 162 13.05 -0.16 -13.03
N TYR A 163 14.38 -0.14 -12.94
CA TYR A 163 15.13 -1.37 -13.13
C TYR A 163 14.74 -2.41 -12.07
N HIS A 164 14.74 -1.99 -10.82
CA HIS A 164 14.08 -2.73 -9.74
C HIS A 164 13.35 -1.72 -8.88
N ASP A 165 12.38 -2.22 -8.11
CA ASP A 165 11.32 -1.37 -7.55
C ASP A 165 11.84 -0.73 -6.26
N ALA A 166 12.49 0.40 -6.39
CA ALA A 166 13.04 1.10 -5.26
C ALA A 166 12.39 2.46 -5.00
N TYR A 167 11.46 2.92 -5.84
CA TYR A 167 10.95 4.31 -5.82
C TYR A 167 9.46 4.42 -5.47
N GLN A 168 8.84 3.39 -4.89
CA GLN A 168 7.38 3.38 -4.60
C GLN A 168 7.05 4.58 -3.72
N TYR A 169 7.88 4.91 -2.75
CA TYR A 169 7.62 5.99 -1.77
C TYR A 169 7.80 7.39 -2.37
N LEU A 170 8.38 7.54 -3.56
CA LEU A 170 8.48 8.86 -4.26
C LEU A 170 7.20 9.12 -5.04
N GLU A 171 6.34 8.13 -5.28
CA GLU A 171 5.19 8.29 -6.23
C GLU A 171 4.04 9.16 -5.72
N ARG A 172 3.68 9.13 -4.45
CA ARG A 172 2.62 10.03 -3.99
C ARG A 172 3.04 11.48 -4.26
N SER A 173 4.25 11.86 -3.87
CA SER A 173 4.77 13.25 -3.97
C SER A 173 4.83 13.75 -5.41
N LEU A 174 5.43 12.99 -6.32
CA LEU A 174 5.66 13.46 -7.71
C LEU A 174 4.56 12.96 -8.64
N ASN A 175 3.50 12.38 -8.11
CA ASN A 175 2.34 11.91 -8.91
C ASN A 175 2.81 10.89 -9.95
N LEU A 176 3.71 9.97 -9.60
CA LEU A 176 4.23 8.95 -10.54
C LEU A 176 3.29 7.76 -10.56
N LYS A 177 3.16 7.11 -11.71
CA LYS A 177 2.35 5.88 -11.86
C LYS A 177 3.31 4.75 -12.20
N PHE A 178 3.42 3.75 -11.35
CA PHE A 178 4.33 2.65 -11.55
C PHE A 178 3.79 1.75 -12.65
N ALA A 179 4.55 1.64 -13.71
CA ALA A 179 4.15 0.84 -14.86
C ALA A 179 4.85 -0.50 -14.88
N GLY A 180 5.74 -0.77 -13.92
CA GLY A 180 6.44 -2.03 -13.87
C GLY A 180 7.90 -1.93 -13.67
N ALA A 181 8.54 -3.04 -13.38
CA ALA A 181 9.94 -3.14 -13.12
C ALA A 181 10.57 -4.23 -13.96
N LEU A 182 11.85 -4.08 -14.28
CA LEU A 182 12.55 -5.04 -15.13
C LEU A 182 12.84 -6.29 -14.31
N THR A 183 13.22 -6.25 -13.03
CA THR A 183 13.60 -7.44 -12.23
C THR A 183 13.15 -7.27 -10.79
N ASP A 184 12.91 -8.37 -10.06
CA ASP A 184 12.46 -8.38 -8.65
C ASP A 184 13.66 -8.25 -7.73
N ASP A 185 14.85 -8.65 -8.18
CA ASP A 185 16.09 -8.61 -7.38
C ASP A 185 17.14 -8.00 -8.29
N PRO A 186 17.91 -6.97 -7.90
CA PRO A 186 18.89 -6.39 -8.82
C PRO A 186 19.98 -7.35 -9.27
N HIS A 187 20.21 -8.46 -8.54
CA HIS A 187 21.22 -9.49 -8.87
C HIS A 187 20.66 -10.53 -9.85
N VAL A 188 19.42 -10.39 -10.34
CA VAL A 188 18.80 -11.33 -11.28
C VAL A 188 18.56 -10.58 -12.57
N ALA A 189 19.04 -11.13 -13.68
CA ALA A 189 18.85 -10.45 -14.94
C ALA A 189 17.36 -10.41 -15.24
N PRO A 190 16.86 -9.28 -15.81
CA PRO A 190 15.50 -9.25 -16.27
C PRO A 190 15.26 -10.38 -17.28
N THR A 191 14.08 -10.97 -17.28
CA THR A 191 13.69 -12.03 -18.23
C THR A 191 13.25 -11.40 -19.55
N ALA A 192 13.39 -12.09 -20.67
CA ALA A 192 12.92 -11.62 -21.99
C ALA A 192 11.40 -11.46 -21.93
N ALA A 193 10.73 -12.30 -21.18
CA ALA A 193 9.27 -12.24 -21.01
C ALA A 193 8.86 -10.93 -20.32
N GLN A 194 9.58 -10.50 -19.29
CA GLN A 194 9.22 -9.28 -18.53
C GLN A 194 9.48 -8.09 -19.44
N ILE A 195 10.62 -8.06 -20.12
CA ILE A 195 10.95 -6.98 -21.10
C ILE A 195 9.84 -6.90 -22.12
N LYS A 196 9.46 -8.02 -22.72
CA LYS A 196 8.37 -8.06 -23.73
C LYS A 196 7.08 -7.58 -23.08
N TYR A 197 6.76 -8.06 -21.89
CA TYR A 197 5.52 -7.68 -21.18
C TYR A 197 5.52 -6.17 -21.07
N LEU A 198 6.58 -5.55 -20.59
CA LEU A 198 6.70 -4.08 -20.37
C LEU A 198 6.58 -3.34 -21.70
N ASN A 199 7.27 -3.79 -22.72
CA ASN A 199 7.26 -3.15 -24.06
C ASN A 199 5.84 -3.15 -24.61
N ASP A 200 5.13 -4.26 -24.53
CA ASP A 200 3.79 -4.43 -25.15
C ASP A 200 2.73 -3.71 -24.30
N SER A 201 2.95 -3.50 -23.00
CA SER A 201 2.00 -2.82 -22.07
C SER A 201 2.32 -1.33 -21.97
N ARG A 202 3.32 -0.85 -22.70
CA ARG A 202 3.76 0.57 -22.72
C ARG A 202 2.60 1.55 -22.52
N PRO A 203 2.54 2.30 -21.41
CA PRO A 203 1.56 3.35 -21.27
C PRO A 203 1.81 4.44 -22.32
N LYS A 204 3.06 4.68 -22.69
CA LYS A 204 3.46 5.77 -23.60
C LYS A 204 4.56 5.32 -24.56
N ALA A 205 4.77 6.04 -25.66
CA ALA A 205 5.80 5.73 -26.67
C ALA A 205 7.20 5.86 -26.07
N GLN A 206 7.51 7.02 -25.48
CA GLN A 206 8.82 7.27 -24.81
C GLN A 206 8.59 7.03 -23.34
N MET A 207 9.27 6.06 -22.75
CA MET A 207 9.07 5.65 -21.35
C MET A 207 10.29 5.97 -20.51
N CYS A 208 10.10 6.69 -19.41
CA CYS A 208 11.18 6.96 -18.44
C CYS A 208 11.60 5.65 -17.78
N LEU A 209 12.87 5.33 -17.69
CA LEU A 209 13.42 4.19 -16.96
C LEU A 209 14.41 4.70 -15.91
N LEU A 210 14.12 4.44 -14.63
CA LEU A 210 14.97 4.85 -13.51
C LEU A 210 15.83 3.65 -13.13
N ALA A 211 17.09 3.80 -12.71
CA ALA A 211 17.94 2.72 -12.19
C ALA A 211 18.86 3.30 -11.12
N GLU A 212 19.63 2.47 -10.43
CA GLU A 212 20.54 2.92 -9.34
C GLU A 212 21.76 3.64 -9.93
N SER A 213 22.34 3.14 -11.03
CA SER A 213 23.55 3.69 -11.61
C SER A 213 23.52 3.60 -13.13
N PHE A 214 24.47 4.33 -13.74
CA PHE A 214 24.60 4.34 -15.19
C PHE A 214 24.83 2.94 -15.75
N THR A 215 25.44 2.07 -14.96
CA THR A 215 25.98 0.83 -15.46
C THR A 215 24.91 -0.02 -16.12
N LYS A 222 15.74 -3.33 -26.55
CA LYS A 222 14.72 -4.43 -26.49
C LYS A 222 13.49 -3.88 -25.79
N LEU A 223 13.68 -2.90 -24.91
CA LEU A 223 12.57 -2.26 -24.17
C LEU A 223 12.16 -1.01 -24.96
N GLY A 224 12.76 -0.67 -26.10
CA GLY A 224 12.31 0.37 -27.04
C GLY A 224 12.79 1.78 -26.74
N SER A 225 11.94 2.78 -26.99
CA SER A 225 12.28 4.21 -26.83
C SER A 225 12.21 4.58 -25.36
N ILE A 226 13.36 4.83 -24.73
CA ILE A 226 13.41 5.11 -23.28
C ILE A 226 14.31 6.27 -22.90
N THR A 227 13.91 7.07 -21.92
CA THR A 227 14.76 8.05 -21.26
C THR A 227 15.34 7.35 -20.03
N PHE A 228 16.66 7.13 -20.04
CA PHE A 228 17.36 6.43 -18.96
C PHE A 228 17.90 7.44 -17.95
N GLN A 229 17.46 7.34 -16.70
CA GLN A 229 17.88 8.27 -15.65
C GLN A 229 18.36 7.52 -14.42
N PRO A 230 19.64 7.52 -14.10
CA PRO A 230 20.11 7.02 -12.81
C PRO A 230 19.57 7.87 -11.68
N VAL A 231 19.12 7.24 -10.59
CA VAL A 231 18.54 7.90 -9.39
C VAL A 231 19.03 7.06 -8.20
N ASP A 232 19.87 7.60 -7.33
CA ASP A 232 20.43 6.86 -6.18
C ASP A 232 19.63 7.16 -4.92
N GLU A 233 18.68 6.30 -4.57
CA GLU A 233 17.87 6.50 -3.34
C GLU A 233 18.82 6.49 -2.15
N SER A 234 19.96 5.81 -2.20
CA SER A 234 20.82 5.72 -1.03
C SER A 234 21.58 7.01 -0.76
N MET A 235 21.53 7.98 -1.69
CA MET A 235 22.12 9.34 -1.55
C MET A 235 23.61 9.25 -1.20
N ASN A 236 24.38 8.35 -1.81
CA ASN A 236 25.72 8.06 -1.31
C ASN A 236 26.72 9.19 -1.49
N ASN A 237 26.51 10.12 -2.40
CA ASN A 237 27.49 11.18 -2.62
C ASN A 237 26.93 12.54 -2.25
N GLU A 238 26.07 12.56 -1.23
CA GLU A 238 25.38 13.74 -0.77
C GLU A 238 25.66 13.89 0.72
N ASP A 239 25.60 15.14 1.21
CA ASP A 239 25.84 15.48 2.64
C ASP A 239 24.62 16.22 3.22
N ASN A 240 23.54 16.40 2.46
CA ASN A 240 22.28 17.01 2.98
C ASN A 240 21.10 16.21 2.43
N PHE A 241 20.25 15.68 3.31
CA PHE A 241 19.07 14.86 2.93
C PHE A 241 18.12 15.61 2.02
N VAL A 242 17.73 16.84 2.36
CA VAL A 242 16.70 17.55 1.57
C VAL A 242 17.30 17.96 0.22
N THR A 243 18.57 18.35 0.18
CA THR A 243 19.27 18.67 -1.08
C THR A 243 19.27 17.41 -1.92
N ALA A 244 19.62 16.27 -1.32
CA ALA A 244 19.66 14.97 -2.01
C ALA A 244 18.26 14.65 -2.53
N TRP A 245 17.21 14.89 -1.75
CA TRP A 245 15.81 14.57 -2.14
C TRP A 245 15.39 15.49 -3.26
N LYS A 246 15.71 16.76 -3.23
CA LYS A 246 15.29 17.75 -4.25
C LYS A 246 15.90 17.33 -5.59
N LYS A 247 17.14 16.88 -5.64
CA LYS A 247 17.86 16.46 -6.86
C LYS A 247 17.24 15.17 -7.40
N LEU A 248 16.99 14.19 -6.55
CA LEU A 248 16.36 12.92 -6.95
C LEU A 248 15.02 13.27 -7.59
N ALA A 249 14.21 14.11 -6.94
CA ALA A 249 12.85 14.45 -7.37
C ALA A 249 12.85 15.15 -8.73
N ILE A 250 13.73 16.13 -8.91
CA ILE A 250 13.74 16.95 -10.15
C ILE A 250 14.29 16.11 -11.30
N LYS A 251 15.24 15.21 -11.03
CA LYS A 251 15.79 14.30 -12.06
C LYS A 251 14.68 13.33 -12.44
N THR A 252 13.90 12.85 -11.49
CA THR A 252 12.82 11.86 -11.73
C THR A 252 11.73 12.56 -12.55
N ASP A 253 11.35 13.78 -12.17
CA ASP A 253 10.24 14.52 -12.81
C ASP A 253 10.59 14.84 -14.27
N LYS A 254 11.82 15.19 -14.53
CA LYS A 254 12.28 15.52 -15.90
C LYS A 254 12.26 14.26 -16.77
N CYS A 255 12.72 13.13 -16.24
CA CYS A 255 12.73 11.83 -16.94
C CYS A 255 11.29 11.49 -17.37
N VAL A 256 10.31 11.64 -16.50
CA VAL A 256 8.90 11.21 -16.78
C VAL A 256 8.15 12.21 -17.67
N LEU A 257 8.55 13.49 -17.70
CA LEU A 257 7.89 14.55 -18.50
C LEU A 257 8.58 14.74 -19.85
N ASN A 258 9.80 14.23 -20.03
CA ASN A 258 10.59 14.36 -21.30
C ASN A 258 10.20 13.24 -22.27
N GLN B 2 -23.86 -27.35 10.72
CA GLN B 2 -23.54 -28.06 9.49
C GLN B 2 -23.24 -27.15 8.33
N GLY B 3 -23.72 -25.93 8.41
CA GLY B 3 -23.69 -25.03 7.28
C GLY B 3 -22.47 -24.12 7.26
N LEU B 4 -22.22 -23.54 6.10
CA LEU B 4 -21.20 -22.51 5.93
C LEU B 4 -21.89 -21.14 5.93
N VAL B 5 -21.56 -20.31 6.90
CA VAL B 5 -22.21 -19.00 7.07
C VAL B 5 -21.19 -17.92 6.76
N VAL B 6 -21.63 -16.87 6.08
CA VAL B 6 -20.74 -15.81 5.60
C VAL B 6 -21.35 -14.45 5.93
N SER B 7 -20.51 -13.53 6.40
CA SER B 7 -21.06 -12.31 6.97
C SER B 7 -21.53 -11.30 5.92
N THR B 8 -20.78 -11.11 4.82
CA THR B 8 -21.13 -10.09 3.84
C THR B 8 -21.38 -10.69 2.47
N HIS B 9 -22.06 -9.92 1.61
CA HIS B 9 -22.54 -10.44 0.33
C HIS B 9 -21.41 -10.70 -0.68
N PRO B 10 -20.42 -9.84 -0.82
CA PRO B 10 -19.35 -10.15 -1.79
C PRO B 10 -18.62 -11.43 -1.44
N ILE B 11 -18.31 -11.57 -0.15
CA ILE B 11 -17.66 -12.77 0.33
C ILE B 11 -18.60 -13.95 0.13
N TYR B 12 -19.89 -13.76 0.43
CA TYR B 12 -20.86 -14.83 0.17
C TYR B 12 -20.80 -15.29 -1.30
N LEU B 13 -20.76 -14.33 -2.24
CA LEU B 13 -20.76 -14.71 -3.67
C LEU B 13 -19.50 -15.48 -4.05
N ILE B 14 -18.37 -15.18 -3.41
CA ILE B 14 -17.19 -16.00 -3.62
C ILE B 14 -17.39 -17.40 -3.02
N ALA B 15 -17.90 -17.48 -1.79
CA ALA B 15 -18.12 -18.81 -1.19
C ALA B 15 -19.11 -19.63 -2.00
N LYS B 16 -20.11 -18.99 -2.59
CA LYS B 16 -21.09 -19.71 -3.40
C LYS B 16 -20.42 -20.44 -4.56
N GLU B 17 -19.41 -19.82 -5.18
CA GLU B 17 -18.73 -20.53 -6.25
C GLU B 17 -17.82 -21.60 -5.69
N ILE B 18 -17.17 -21.35 -4.57
CA ILE B 18 -16.30 -22.37 -4.00
C ILE B 18 -17.11 -23.62 -3.62
N THR B 19 -18.38 -23.48 -3.26
CA THR B 19 -19.24 -24.61 -2.80
C THR B 19 -20.10 -25.24 -3.91
N LYS B 20 -20.18 -24.71 -5.12
CA LYS B 20 -21.13 -25.16 -6.18
C LYS B 20 -21.17 -26.68 -6.35
N GLY B 21 -22.31 -27.33 -6.15
CA GLY B 21 -22.48 -28.79 -6.31
C GLY B 21 -22.15 -29.56 -5.05
N VAL B 22 -21.70 -28.88 -4.00
CA VAL B 22 -21.37 -29.49 -2.69
C VAL B 22 -22.42 -29.01 -1.68
N GLU B 23 -22.67 -27.69 -1.59
CA GLU B 23 -23.59 -27.13 -0.58
C GLU B 23 -24.01 -25.73 -1.01
N GLU B 24 -24.92 -25.10 -0.27
CA GLU B 24 -25.35 -23.71 -0.45
C GLU B 24 -24.80 -22.95 0.74
N PRO B 25 -24.02 -21.86 0.61
CA PRO B 25 -23.61 -21.10 1.77
C PRO B 25 -24.82 -20.33 2.33
N GLN B 26 -24.71 -19.71 3.51
CA GLN B 26 -25.79 -18.97 4.19
C GLN B 26 -25.31 -17.56 4.51
N LEU B 27 -25.90 -16.51 3.99
CA LEU B 27 -25.52 -15.12 4.20
C LEU B 27 -26.17 -14.69 5.52
N LEU B 28 -25.40 -14.14 6.45
CA LEU B 28 -25.89 -13.80 7.81
C LEU B 28 -26.56 -12.45 7.83
N LEU B 29 -25.84 -11.39 7.48
CA LEU B 29 -26.32 -10.00 7.71
C LEU B 29 -27.67 -9.76 7.05
N GLN B 30 -27.81 -9.99 5.75
CA GLN B 30 -29.11 -9.85 5.06
C GLN B 30 -29.82 -8.60 5.57
N THR B 40 -29.06 -9.84 15.89
CA THR B 40 -30.28 -10.32 16.54
C THR B 40 -30.04 -11.68 17.17
N PRO B 41 -31.01 -12.23 17.91
CA PRO B 41 -30.93 -13.65 18.27
C PRO B 41 -31.10 -14.59 17.07
N ALA B 42 -31.69 -14.11 15.97
CA ALA B 42 -31.78 -14.92 14.75
C ALA B 42 -30.44 -15.01 14.04
N HIS B 43 -29.63 -13.94 14.07
CA HIS B 43 -28.23 -14.05 13.69
C HIS B 43 -27.53 -15.11 14.55
N ARG B 44 -27.81 -15.10 15.86
CA ARG B 44 -27.15 -16.04 16.78
C ARG B 44 -27.42 -17.49 16.40
N LYS B 45 -28.67 -17.81 16.05
CA LYS B 45 -29.01 -19.17 15.66
C LYS B 45 -28.14 -19.63 14.50
N ALA B 46 -28.03 -18.79 13.47
CA ALA B 46 -27.28 -19.17 12.27
C ALA B 46 -25.84 -19.55 12.60
N ILE B 47 -25.25 -18.87 13.59
CA ILE B 47 -23.86 -19.12 13.93
C ILE B 47 -23.70 -20.41 14.73
N ASN B 48 -24.54 -20.62 15.74
CA ASN B 48 -24.44 -21.86 16.51
C ASN B 48 -24.69 -23.08 15.63
N ASP B 49 -25.60 -22.97 14.67
CA ASP B 49 -25.87 -24.04 13.72
C ASP B 49 -24.80 -24.18 12.65
N ALA B 50 -23.94 -23.18 12.50
CA ALA B 50 -22.87 -23.24 11.50
C ALA B 50 -21.76 -24.12 12.03
N SER B 51 -21.06 -24.79 11.11
CA SER B 51 -19.79 -25.38 11.47
C SER B 51 -18.61 -24.57 10.97
N LEU B 52 -18.84 -23.52 10.18
CA LEU B 52 -17.77 -22.62 9.74
C LEU B 52 -18.36 -21.25 9.41
N VAL B 53 -17.71 -20.21 9.88
CA VAL B 53 -18.17 -18.84 9.68
C VAL B 53 -17.04 -18.04 9.05
N ILE B 54 -17.29 -17.40 7.92
CA ILE B 54 -16.27 -16.57 7.22
C ILE B 54 -16.74 -15.14 7.46
N TRP B 55 -15.93 -14.31 8.08
CA TRP B 55 -16.27 -12.89 8.30
C TRP B 55 -14.98 -12.16 7.98
N LEU B 56 -14.97 -10.86 7.77
CA LEU B 56 -13.77 -10.04 7.50
C LEU B 56 -13.04 -9.80 8.82
N GLY B 57 -13.67 -9.31 9.86
CA GLY B 57 -13.05 -9.09 11.14
C GLY B 57 -13.44 -7.79 11.76
N LYS B 58 -13.03 -7.62 13.03
CA LYS B 58 -13.52 -6.53 13.87
C LYS B 58 -13.15 -5.16 13.33
N ALA B 59 -12.18 -5.08 12.43
CA ALA B 59 -11.90 -3.78 11.82
C ALA B 59 -13.04 -3.39 10.90
N HIS B 60 -13.68 -4.37 10.27
CA HIS B 60 -14.77 -4.11 9.35
C HIS B 60 -16.14 -4.23 9.98
N GLU B 61 -16.31 -5.13 10.97
CA GLU B 61 -17.62 -5.49 11.52
C GLU B 61 -17.52 -5.49 13.05
N ALA B 62 -17.54 -4.29 13.63
CA ALA B 62 -17.41 -4.17 15.07
C ALA B 62 -18.56 -4.82 15.85
N PRO B 63 -19.85 -4.67 15.44
CA PRO B 63 -20.96 -5.34 16.11
C PRO B 63 -20.86 -6.86 16.14
N LEU B 64 -20.36 -7.46 15.06
CA LEU B 64 -20.26 -8.93 14.96
C LEU B 64 -19.12 -9.38 15.86
N ASN B 65 -18.13 -8.53 16.09
CA ASN B 65 -16.94 -8.90 16.91
C ASN B 65 -17.44 -9.59 18.16
N LYS B 66 -18.28 -9.00 19.00
CA LYS B 66 -18.68 -9.61 20.30
C LYS B 66 -18.86 -11.11 20.19
N LEU B 67 -19.64 -11.61 19.24
CA LEU B 67 -19.98 -13.05 19.11
C LEU B 67 -18.88 -13.88 18.44
N LEU B 68 -18.26 -13.41 17.36
CA LEU B 68 -17.38 -14.22 16.53
C LEU B 68 -15.93 -14.27 17.02
N SER B 69 -15.49 -13.27 17.77
CA SER B 69 -14.07 -13.19 18.11
C SER B 69 -13.63 -14.36 18.99
N ASN B 70 -14.49 -14.81 19.90
CA ASN B 70 -14.16 -16.00 20.70
C ASN B 70 -14.64 -17.30 20.09
N ASN B 71 -15.07 -17.32 18.84
CA ASN B 71 -15.60 -18.54 18.24
C ASN B 71 -14.60 -19.14 17.26
N LYS B 72 -14.19 -20.39 17.54
CA LYS B 72 -13.16 -21.08 16.76
C LYS B 72 -13.64 -21.40 15.34
N LYS B 73 -14.96 -21.44 15.13
CA LYS B 73 -15.51 -21.68 13.82
C LYS B 73 -15.47 -20.45 12.93
N ALA B 74 -15.11 -19.30 13.49
CA ALA B 74 -15.22 -18.02 12.82
C ALA B 74 -13.82 -17.59 12.46
N ILE B 75 -13.55 -17.50 11.16
CA ILE B 75 -12.26 -17.15 10.58
C ILE B 75 -12.38 -15.74 9.99
N ALA B 76 -11.55 -14.83 10.46
CA ALA B 76 -11.56 -13.44 10.03
C ALA B 76 -10.58 -13.31 8.88
N LEU B 77 -11.10 -13.00 7.68
CA LEU B 77 -10.23 -12.92 6.51
C LEU B 77 -9.14 -11.89 6.71
N LEU B 78 -9.45 -10.77 7.36
CA LEU B 78 -8.44 -9.72 7.51
C LEU B 78 -7.29 -10.15 8.40
N ASP B 79 -7.47 -11.15 9.27
CA ASP B 79 -6.41 -11.58 10.15
C ASP B 79 -5.67 -12.80 9.66
N SER B 80 -5.96 -13.29 8.44
CA SER B 80 -5.47 -14.61 8.05
C SER B 80 -4.12 -14.60 7.35
N GLY B 81 -3.59 -13.44 6.98
CA GLY B 81 -2.33 -13.41 6.29
C GLY B 81 -2.41 -13.76 4.83
N ILE B 82 -3.61 -13.90 4.27
CA ILE B 82 -3.72 -14.22 2.84
C ILE B 82 -3.93 -12.98 1.97
N LEU B 83 -4.34 -11.87 2.54
CA LEU B 83 -4.75 -10.73 1.74
C LEU B 83 -3.60 -9.76 1.60
N SER B 84 -3.68 -8.96 0.52
CA SER B 84 -2.83 -7.78 0.33
C SER B 84 -3.59 -6.69 1.06
N ILE B 85 -3.02 -6.11 2.10
CA ILE B 85 -3.70 -5.09 2.94
C ILE B 85 -3.04 -3.76 2.66
N LEU B 86 -3.81 -2.79 2.20
CA LEU B 86 -3.33 -1.43 1.93
C LEU B 86 -3.73 -0.64 3.16
N PRO B 87 -3.00 0.40 3.58
CA PRO B 87 -3.44 1.19 4.71
C PRO B 87 -4.56 2.16 4.35
N GLN B 88 -5.35 2.62 5.30
CA GLN B 88 -6.30 3.67 4.99
C GLN B 88 -5.56 4.94 4.59
N ARG B 89 -6.28 5.80 3.90
CA ARG B 89 -5.78 7.07 3.42
C ARG B 89 -6.59 8.18 4.04
N ASN B 90 -5.95 9.34 4.21
CA ASN B 90 -6.71 10.54 4.48
C ASN B 90 -7.36 11.01 3.18
N THR B 91 -8.22 12.02 3.29
CA THR B 91 -8.97 12.48 2.12
C THR B 91 -8.08 13.12 1.06
N ARG B 92 -6.80 13.34 1.37
CA ARG B 92 -5.80 13.89 0.42
C ARG B 92 -4.93 12.75 -0.12
N GLY B 93 -5.10 11.49 0.32
CA GLY B 93 -4.42 10.40 -0.34
C GLY B 93 -3.15 10.00 0.33
N ALA B 94 -2.79 10.62 1.44
CA ALA B 94 -1.66 10.14 2.23
C ALA B 94 -2.04 8.88 3.01
N ALA B 95 -1.12 7.93 3.09
CA ALA B 95 -1.36 6.72 3.85
C ALA B 95 -1.26 7.00 5.34
N LEU B 96 -2.19 6.45 6.10
CA LEU B 96 -2.20 6.58 7.56
C LEU B 96 -1.44 5.44 8.20
N PRO B 97 -0.34 5.70 8.93
CA PRO B 97 0.36 4.63 9.63
C PRO B 97 -0.48 3.69 10.51
N ASN B 98 -0.18 2.39 10.49
CA ASN B 98 -0.85 1.35 11.31
C ASN B 98 -2.35 1.33 11.11
N THR B 99 -2.86 1.47 9.88
CA THR B 99 -4.28 1.30 9.66
C THR B 99 -4.53 0.23 8.61
N VAL B 100 -5.80 -0.11 8.46
CA VAL B 100 -6.24 -1.20 7.58
C VAL B 100 -7.45 -0.70 6.79
N ASP B 101 -7.26 -0.53 5.48
CA ASP B 101 -8.41 -0.28 4.58
C ASP B 101 -9.04 -1.67 4.50
N THR B 102 -10.31 -1.85 4.82
CA THR B 102 -10.92 -3.18 4.85
C THR B 102 -11.64 -3.57 3.56
N HIS B 103 -11.70 -2.71 2.55
CA HIS B 103 -12.48 -2.95 1.34
C HIS B 103 -11.73 -3.89 0.38
N VAL B 104 -11.34 -5.06 0.89
CA VAL B 104 -10.28 -5.82 0.24
C VAL B 104 -10.72 -6.58 -1.01
N TRP B 105 -11.99 -6.89 -1.17
CA TRP B 105 -12.55 -7.78 -2.22
C TRP B 105 -12.52 -7.18 -3.64
N LEU B 106 -12.38 -5.86 -3.79
CA LEU B 106 -12.31 -5.20 -5.12
C LEU B 106 -10.95 -5.48 -5.78
N GLU B 107 -9.97 -6.04 -5.07
CA GLU B 107 -8.72 -6.43 -5.74
C GLU B 107 -8.83 -7.89 -6.20
N PRO B 108 -8.78 -8.14 -7.50
CA PRO B 108 -8.95 -9.52 -7.99
C PRO B 108 -8.03 -10.54 -7.32
N ASN B 109 -6.75 -10.18 -7.07
CA ASN B 109 -5.81 -11.10 -6.44
C ASN B 109 -6.31 -11.50 -5.05
N ASN B 110 -6.96 -10.56 -4.36
CA ASN B 110 -7.51 -10.89 -3.06
C ASN B 110 -8.69 -11.80 -3.22
N ALA B 111 -9.54 -11.53 -4.19
CA ALA B 111 -10.68 -12.40 -4.41
C ALA B 111 -10.21 -13.83 -4.63
N VAL B 112 -9.19 -14.03 -5.48
CA VAL B 112 -8.64 -15.37 -5.83
C VAL B 112 -8.14 -16.03 -4.56
N ARG B 113 -7.43 -15.29 -3.73
CA ARG B 113 -6.84 -15.85 -2.50
C ARG B 113 -7.94 -16.11 -1.46
N ILE B 114 -9.04 -15.39 -1.47
CA ILE B 114 -10.19 -15.65 -0.56
C ILE B 114 -10.85 -16.94 -1.07
N GLY B 115 -10.88 -17.21 -2.37
CA GLY B 115 -11.49 -18.41 -2.88
C GLY B 115 -10.76 -19.67 -2.44
N PHE B 116 -9.45 -19.68 -2.66
CA PHE B 116 -8.60 -20.83 -2.30
C PHE B 116 -8.58 -21.00 -0.79
N PHE B 117 -8.75 -19.94 -0.02
CA PHE B 117 -8.74 -20.00 1.46
C PHE B 117 -10.03 -20.61 1.96
N ILE B 118 -11.16 -20.28 1.38
CA ILE B 118 -12.46 -20.89 1.75
C ILE B 118 -12.39 -22.38 1.37
N ALA B 119 -11.80 -22.76 0.24
CA ALA B 119 -11.74 -24.15 -0.17
C ALA B 119 -10.88 -24.94 0.79
N ALA B 120 -9.76 -24.37 1.21
CA ALA B 120 -8.90 -25.09 2.14
C ALA B 120 -9.58 -25.32 3.49
N LEU B 121 -10.26 -24.27 4.01
CA LEU B 121 -10.90 -24.39 5.32
C LEU B 121 -11.96 -25.47 5.31
N ARG B 122 -12.85 -25.41 4.33
CA ARG B 122 -13.93 -26.36 4.23
C ARG B 122 -13.41 -27.75 3.89
N SER B 123 -12.36 -27.85 3.11
CA SER B 123 -11.73 -29.15 2.75
C SER B 123 -11.26 -29.85 4.04
N GLN B 124 -10.72 -29.12 5.01
CA GLN B 124 -10.17 -29.72 6.26
C GLN B 124 -11.34 -30.29 7.05
N GLN B 125 -12.48 -29.63 7.04
CA GLN B 125 -13.69 -30.07 7.74
C GLN B 125 -14.42 -31.16 6.97
N HIS B 126 -14.36 -31.16 5.63
CA HIS B 126 -15.06 -32.15 4.80
C HIS B 126 -14.08 -32.69 3.79
N PRO B 127 -13.09 -33.45 4.24
CA PRO B 127 -12.09 -33.97 3.29
C PRO B 127 -12.72 -34.69 2.14
N GLU B 128 -13.91 -35.29 2.33
CA GLU B 128 -14.56 -36.05 1.26
C GLU B 128 -14.89 -35.20 0.05
N ASN B 129 -14.92 -33.87 0.20
CA ASN B 129 -15.19 -32.96 -0.90
C ASN B 129 -13.99 -32.10 -1.26
N LYS B 130 -12.80 -32.44 -0.74
CA LYS B 130 -11.60 -31.62 -0.94
C LYS B 130 -11.41 -31.33 -2.42
N ALA B 131 -11.45 -32.37 -3.23
CA ALA B 131 -11.25 -32.25 -4.68
C ALA B 131 -12.27 -31.31 -5.27
N LYS B 132 -13.51 -31.33 -4.81
CA LYS B 132 -14.59 -30.50 -5.40
C LYS B 132 -14.44 -29.05 -4.95
N TYR B 133 -14.13 -28.75 -3.68
CA TYR B 133 -13.88 -27.38 -3.25
C TYR B 133 -12.71 -26.78 -4.02
N TRP B 134 -11.62 -27.53 -4.12
CA TRP B 134 -10.39 -27.04 -4.75
C TRP B 134 -10.57 -26.82 -6.24
N ASN B 135 -11.28 -27.72 -6.90
CA ASN B 135 -11.58 -27.53 -8.31
C ASN B 135 -12.45 -26.30 -8.50
N ASN B 136 -13.43 -26.10 -7.61
CA ASN B 136 -14.25 -24.88 -7.72
C ASN B 136 -13.41 -23.60 -7.52
N ALA B 137 -12.42 -23.62 -6.63
CA ALA B 137 -11.60 -22.41 -6.44
C ALA B 137 -10.73 -22.14 -7.66
N ASN B 138 -10.28 -23.19 -8.34
CA ASN B 138 -9.54 -22.97 -9.58
C ASN B 138 -10.40 -22.31 -10.65
N THR B 139 -11.64 -22.76 -10.78
CA THR B 139 -12.55 -22.20 -11.77
C THR B 139 -12.86 -20.74 -11.48
N PHE B 140 -13.17 -20.40 -10.21
CA PHE B 140 -13.40 -19.01 -9.86
C PHE B 140 -12.16 -18.16 -10.10
N ALA B 141 -10.99 -18.67 -9.73
CA ALA B 141 -9.75 -17.94 -9.97
C ALA B 141 -9.55 -17.67 -11.46
N ARG B 142 -9.81 -18.68 -12.29
CA ARG B 142 -9.67 -18.51 -13.74
C ARG B 142 -10.62 -17.44 -14.27
N ASN B 143 -11.90 -17.52 -13.86
CA ASN B 143 -12.88 -16.54 -14.29
C ASN B 143 -12.52 -15.16 -13.75
N MET B 144 -12.07 -15.08 -12.50
CA MET B 144 -11.76 -13.77 -11.92
C MET B 144 -10.61 -13.10 -12.66
N LEU B 145 -9.56 -13.86 -12.93
CA LEU B 145 -8.36 -13.31 -13.57
C LEU B 145 -8.59 -13.05 -15.05
N GLN B 146 -9.33 -13.92 -15.74
CA GLN B 146 -9.67 -13.59 -17.13
C GLN B 146 -10.36 -12.23 -17.17
N ALA B 147 -11.28 -12.00 -16.23
CA ALA B 147 -12.00 -10.72 -16.15
C ALA B 147 -11.00 -9.62 -15.75
N ALA B 148 -10.08 -9.90 -14.84
CA ALA B 148 -9.17 -8.83 -14.44
C ALA B 148 -8.24 -8.46 -15.61
N GLN B 149 -7.79 -9.47 -16.35
CA GLN B 149 -6.82 -9.24 -17.41
C GLN B 149 -7.44 -8.44 -18.54
N ALA B 150 -8.74 -8.65 -18.82
CA ALA B 150 -9.38 -7.85 -19.86
C ALA B 150 -9.63 -6.41 -19.44
N TYR B 151 -9.63 -6.08 -18.15
CA TYR B 151 -9.94 -4.71 -17.67
C TYR B 151 -8.68 -4.04 -17.10
N ASP B 152 -7.46 -4.52 -17.42
CA ASP B 152 -6.26 -3.91 -16.90
C ASP B 152 -5.99 -2.68 -17.77
N SER B 153 -5.83 -1.52 -17.14
CA SER B 153 -5.63 -0.29 -17.89
C SER B 153 -4.28 0.33 -17.51
N LYS B 158 -5.99 8.53 -15.53
CA LYS B 158 -7.38 8.09 -15.27
C LYS B 158 -7.80 8.53 -13.84
N PRO B 159 -7.87 9.85 -13.54
CA PRO B 159 -8.13 10.30 -12.18
C PRO B 159 -9.57 10.21 -11.70
N TYR B 160 -9.83 10.19 -10.38
CA TYR B 160 -11.19 10.22 -9.88
C TYR B 160 -11.30 10.70 -8.42
N TRP B 161 -12.51 11.09 -8.04
CA TRP B 161 -12.85 11.50 -6.67
C TRP B 161 -13.84 10.44 -6.19
N SER B 162 -13.86 10.11 -4.91
CA SER B 162 -14.83 9.21 -4.30
C SER B 162 -15.52 9.97 -3.19
N TYR B 163 -16.79 9.66 -2.94
CA TYR B 163 -17.51 10.36 -1.89
C TYR B 163 -16.81 10.12 -0.56
N HIS B 164 -16.53 8.86 -0.26
CA HIS B 164 -15.59 8.43 0.76
C HIS B 164 -14.80 7.27 0.21
N ASP B 165 -13.65 7.00 0.82
CA ASP B 165 -12.57 6.23 0.22
C ASP B 165 -12.84 4.75 0.42
N ALA B 166 -13.65 4.20 -0.48
CA ALA B 166 -14.07 2.81 -0.42
C ALA B 166 -13.64 1.96 -1.62
N TYR B 167 -12.98 2.55 -2.61
CA TYR B 167 -12.64 1.81 -3.82
C TYR B 167 -11.14 1.69 -4.00
N GLN B 168 -10.36 1.79 -2.92
CA GLN B 168 -8.92 1.81 -3.07
C GLN B 168 -8.43 0.53 -3.75
N TYR B 169 -9.01 -0.59 -3.40
CA TYR B 169 -8.56 -1.88 -3.93
C TYR B 169 -8.94 -2.08 -5.38
N LEU B 170 -9.75 -1.21 -5.94
CA LEU B 170 -10.03 -1.28 -7.37
C LEU B 170 -9.00 -0.57 -8.22
N GLU B 171 -8.19 0.30 -7.63
CA GLU B 171 -7.44 1.27 -8.42
C GLU B 171 -6.35 0.59 -9.26
N ARG B 172 -5.58 -0.30 -8.66
CA ARG B 172 -4.48 -0.90 -9.41
C ARG B 172 -4.98 -1.60 -10.66
N SER B 173 -6.03 -2.39 -10.51
CA SER B 173 -6.61 -3.10 -11.63
C SER B 173 -6.94 -2.16 -12.77
N LEU B 174 -7.66 -1.08 -12.48
CA LEU B 174 -8.11 -0.16 -13.50
C LEU B 174 -7.12 0.95 -13.76
N ASN B 175 -6.01 0.98 -13.05
CA ASN B 175 -5.04 2.04 -13.18
C ASN B 175 -5.72 3.38 -12.91
N LEU B 176 -6.51 3.41 -11.85
CA LEU B 176 -7.12 4.65 -11.42
C LEU B 176 -6.11 5.47 -10.65
N LYS B 177 -6.27 6.80 -10.68
CA LYS B 177 -5.45 7.73 -9.87
C LYS B 177 -6.42 8.38 -8.88
N PHE B 178 -6.30 8.13 -7.60
CA PHE B 178 -7.14 8.67 -6.54
C PHE B 178 -6.81 10.13 -6.37
N ALA B 179 -7.77 11.00 -6.65
CA ALA B 179 -7.60 12.44 -6.60
C ALA B 179 -8.12 13.03 -5.29
N GLY B 180 -8.64 12.21 -4.38
CA GLY B 180 -9.20 12.71 -3.15
C GLY B 180 -10.59 12.15 -2.90
N ALA B 181 -11.04 12.39 -1.67
CA ALA B 181 -12.32 11.92 -1.18
C ALA B 181 -13.03 13.09 -0.54
N LEU B 182 -14.35 13.09 -0.55
CA LEU B 182 -15.12 14.24 0.00
C LEU B 182 -15.11 14.15 1.52
N THR B 183 -15.20 12.95 2.12
CA THR B 183 -15.33 12.76 3.59
C THR B 183 -14.65 11.49 4.09
N ASP B 184 -14.42 11.36 5.41
CA ASP B 184 -13.89 10.14 6.07
C ASP B 184 -15.04 9.30 6.63
N ASP B 185 -16.28 9.79 6.61
CA ASP B 185 -17.49 9.04 7.03
C ASP B 185 -18.62 9.37 6.07
N VAL B 188 -21.16 11.51 7.83
CA VAL B 188 -20.78 12.89 8.05
C VAL B 188 -20.63 13.70 6.76
N ALA B 189 -21.31 14.86 6.73
CA ALA B 189 -21.30 15.72 5.56
C ALA B 189 -19.90 16.29 5.36
N PRO B 190 -19.49 16.49 4.10
CA PRO B 190 -18.14 17.03 3.84
C PRO B 190 -17.94 18.43 4.41
N THR B 191 -16.69 18.72 4.73
CA THR B 191 -16.23 20.00 5.23
C THR B 191 -15.64 20.89 4.14
N ALA B 192 -15.79 22.21 4.37
CA ALA B 192 -15.47 23.20 3.35
C ALA B 192 -14.00 23.20 2.94
N ALA B 193 -13.08 23.06 3.89
CA ALA B 193 -11.67 23.10 3.53
C ALA B 193 -11.35 22.04 2.48
N GLN B 194 -11.97 20.86 2.59
CA GLN B 194 -11.73 19.79 1.63
C GLN B 194 -12.36 20.13 0.29
N ILE B 195 -13.57 20.69 0.32
CA ILE B 195 -14.25 21.17 -0.88
C ILE B 195 -13.18 21.93 -1.66
N LYS B 196 -12.50 22.86 -0.99
CA LYS B 196 -11.51 23.73 -1.66
C LYS B 196 -10.36 22.88 -2.17
N TYR B 197 -9.80 21.99 -1.37
CA TYR B 197 -8.61 21.19 -1.78
C TYR B 197 -8.95 20.51 -3.10
N LEU B 198 -10.12 19.91 -3.19
CA LEU B 198 -10.53 19.16 -4.38
C LEU B 198 -10.54 20.09 -5.58
N ASN B 199 -11.29 21.20 -5.52
CA ASN B 199 -11.38 22.16 -6.65
C ASN B 199 -9.98 22.69 -7.00
N ASP B 200 -9.17 23.02 -6.01
CA ASP B 200 -7.83 23.60 -6.21
C ASP B 200 -6.86 22.56 -6.78
N SER B 201 -7.06 21.27 -6.48
CA SER B 201 -6.21 20.16 -6.97
C SER B 201 -6.82 19.52 -8.21
N ARG B 202 -8.06 19.86 -8.56
CA ARG B 202 -8.83 19.24 -9.67
C ARG B 202 -7.89 18.86 -10.82
N PRO B 203 -7.54 17.58 -11.07
CA PRO B 203 -6.61 17.26 -12.13
C PRO B 203 -7.22 17.29 -13.53
N LYS B 204 -8.55 17.37 -13.66
CA LYS B 204 -9.25 17.30 -14.96
C LYS B 204 -10.53 18.12 -14.88
N ALA B 205 -10.87 18.91 -15.90
CA ALA B 205 -12.04 19.80 -15.86
C ALA B 205 -13.27 18.99 -15.53
N GLN B 206 -13.55 17.90 -16.28
CA GLN B 206 -14.68 17.00 -15.97
C GLN B 206 -14.13 15.97 -15.01
N MET B 207 -14.70 15.83 -13.80
CA MET B 207 -14.17 14.91 -12.77
C MET B 207 -15.15 13.80 -12.44
N CYS B 208 -14.71 12.56 -12.45
CA CYS B 208 -15.57 11.43 -12.03
C CYS B 208 -15.71 11.50 -10.52
N LEU B 209 -16.90 11.26 -9.98
CA LEU B 209 -17.16 11.17 -8.53
C LEU B 209 -17.92 9.87 -8.32
N LEU B 210 -17.32 8.86 -7.67
CA LEU B 210 -18.00 7.58 -7.35
C LEU B 210 -18.67 7.80 -6.00
N ALA B 211 -19.71 7.06 -5.65
CA ALA B 211 -20.43 7.19 -4.35
C ALA B 211 -21.22 5.91 -4.13
N GLU B 212 -21.40 5.46 -2.90
CA GLU B 212 -22.05 4.14 -2.60
C GLU B 212 -23.54 4.12 -2.91
N SER B 213 -24.12 2.92 -3.10
CA SER B 213 -25.56 2.71 -3.38
C SER B 213 -26.11 3.79 -4.31
N GLN B 219 -27.56 5.35 -11.97
CA GLN B 219 -26.95 5.35 -13.32
C GLN B 219 -26.08 6.59 -13.50
N TYR B 220 -25.14 6.55 -14.45
CA TYR B 220 -24.26 7.69 -14.77
C TYR B 220 -25.13 8.96 -14.84
N GLN B 221 -24.70 10.06 -14.24
CA GLN B 221 -25.41 11.36 -14.26
C GLN B 221 -24.38 12.45 -14.46
N LYS B 222 -24.36 13.12 -15.61
CA LYS B 222 -23.49 14.30 -15.79
C LYS B 222 -24.15 15.42 -14.99
N LEU B 223 -23.57 15.79 -13.86
CA LEU B 223 -24.07 16.87 -12.98
C LEU B 223 -23.08 18.03 -13.12
N GLY B 224 -23.07 18.68 -14.27
CA GLY B 224 -22.20 19.84 -14.52
C GLY B 224 -20.76 19.40 -14.72
N SER B 225 -19.84 19.91 -13.91
CA SER B 225 -18.40 19.59 -14.01
C SER B 225 -18.12 18.15 -13.57
N ILE B 226 -19.03 17.48 -12.86
CA ILE B 226 -18.73 16.14 -12.30
C ILE B 226 -19.59 15.07 -12.94
N THR B 227 -18.99 13.96 -13.35
CA THR B 227 -19.73 12.77 -13.83
C THR B 227 -20.03 11.96 -12.57
N PHE B 228 -21.26 11.96 -12.08
CA PHE B 228 -21.69 11.21 -10.88
C PHE B 228 -22.04 9.78 -11.28
N GLN B 229 -21.39 8.78 -10.68
CA GLN B 229 -21.65 7.35 -10.98
C GLN B 229 -21.95 6.64 -9.67
N PRO B 230 -23.20 6.27 -9.35
CA PRO B 230 -23.46 5.50 -8.17
C PRO B 230 -22.95 4.07 -8.38
N VAL B 231 -22.26 3.45 -7.42
CA VAL B 231 -21.73 2.10 -7.51
C VAL B 231 -21.97 1.44 -6.17
N ASP B 232 -22.26 0.15 -6.20
CA ASP B 232 -22.53 -0.63 -4.99
C ASP B 232 -21.49 -1.73 -4.86
N GLU B 233 -20.46 -1.50 -4.06
CA GLU B 233 -19.41 -2.50 -3.89
C GLU B 233 -19.87 -3.68 -3.04
N SER B 234 -20.98 -3.54 -2.30
CA SER B 234 -21.51 -4.68 -1.54
C SER B 234 -22.24 -5.67 -2.43
N MET B 235 -22.45 -5.33 -3.71
CA MET B 235 -23.04 -6.23 -4.70
C MET B 235 -24.39 -6.78 -4.24
N ASN B 236 -25.20 -5.99 -3.53
CA ASN B 236 -26.31 -6.58 -2.79
C ASN B 236 -27.39 -7.21 -3.67
N ASN B 237 -27.46 -6.83 -4.93
CA ASN B 237 -28.49 -7.34 -5.81
C ASN B 237 -27.89 -8.17 -6.94
N GLU B 238 -26.84 -8.98 -6.67
CA GLU B 238 -26.10 -9.76 -7.73
C GLU B 238 -26.03 -11.25 -7.38
N ASP B 239 -25.80 -12.13 -8.34
CA ASP B 239 -25.76 -13.61 -8.13
C ASP B 239 -24.42 -14.21 -8.59
N ASN B 240 -23.45 -13.41 -8.96
CA ASN B 240 -22.13 -13.89 -9.43
C ASN B 240 -21.13 -12.79 -9.12
N PHE B 241 -20.09 -13.08 -8.34
CA PHE B 241 -19.06 -12.10 -7.95
C PHE B 241 -18.34 -11.50 -9.15
N VAL B 242 -17.87 -12.32 -10.07
CA VAL B 242 -17.04 -11.87 -11.23
C VAL B 242 -17.87 -10.91 -12.10
N THR B 243 -19.14 -11.20 -12.33
CA THR B 243 -20.03 -10.37 -13.16
C THR B 243 -20.25 -9.03 -12.47
N ALA B 244 -20.42 -9.02 -11.14
CA ALA B 244 -20.58 -7.78 -10.37
C ALA B 244 -19.30 -6.94 -10.43
N TRP B 245 -18.14 -7.56 -10.31
CA TRP B 245 -16.85 -6.83 -10.39
C TRP B 245 -16.73 -6.22 -11.77
N LYS B 246 -17.02 -7.01 -12.80
CA LYS B 246 -16.94 -6.56 -14.21
C LYS B 246 -17.87 -5.37 -14.38
N LYS B 247 -19.09 -5.47 -13.88
CA LYS B 247 -20.10 -4.40 -13.99
C LYS B 247 -19.59 -3.16 -13.27
N LEU B 248 -19.02 -3.30 -12.09
CA LEU B 248 -18.52 -2.16 -11.28
C LEU B 248 -17.36 -1.51 -12.02
N ALA B 249 -16.52 -2.31 -12.64
CA ALA B 249 -15.34 -1.84 -13.37
C ALA B 249 -15.78 -1.13 -14.65
N ILE B 250 -16.87 -1.57 -15.25
CA ILE B 250 -17.40 -0.97 -16.50
C ILE B 250 -17.93 0.41 -16.13
N LYS B 251 -18.81 0.59 -15.14
CA LYS B 251 -19.34 1.88 -14.71
C LYS B 251 -18.19 2.83 -14.39
N THR B 252 -17.21 2.35 -13.65
CA THR B 252 -16.13 3.22 -13.20
C THR B 252 -15.33 3.72 -14.38
N ASP B 253 -15.03 2.82 -15.34
CA ASP B 253 -14.25 3.20 -16.52
C ASP B 253 -15.02 4.20 -17.37
N LYS B 254 -16.33 4.00 -17.50
CA LYS B 254 -17.14 4.97 -18.23
C LYS B 254 -17.11 6.30 -17.50
N CYS B 255 -17.22 6.29 -16.17
CA CYS B 255 -17.21 7.52 -15.35
C CYS B 255 -15.90 8.27 -15.58
N VAL B 256 -14.74 7.62 -15.46
CA VAL B 256 -13.42 8.33 -15.56
C VAL B 256 -13.13 8.76 -17.00
N LEU B 257 -13.59 8.02 -18.01
CA LEU B 257 -13.42 8.39 -19.43
C LEU B 257 -14.39 9.52 -19.78
NA NA C . 2.35 9.55 3.74
#